data_2OKF
#
_entry.id   2OKF
#
_cell.length_a   59.810
_cell.length_b   59.810
_cell.length_c   73.190
_cell.angle_alpha   90.000
_cell.angle_beta   90.000
_cell.angle_gamma   120.000
#
_symmetry.space_group_name_H-M   'P 31'
#
loop_
_entity.id
_entity.type
_entity.pdbx_description
1 polymer 'FdxN element excision controlling factor protein'
2 non-polymer 'CHLORIDE ION'
3 non-polymer 'ACETATE ION'
4 non-polymer 1,2-ETHANEDIOL
5 water water
#
_entity_poly.entity_id   1
_entity_poly.type   'polypeptide(L)'
_entity_poly.pdbx_seq_one_letter_code
;G(MSE)SARDVFHEVVKTALKKDGWQITDDPLTISVGGVNLSIDLAAQKLIAAERQGQKIAVEVKSFLKQSSAISEFHTA
LGQFINYRGALRKVEPDRVLYLAVPLTTYKTFFQLDFPKEIIIENQVK(MSE)LVYDVEQEVIFQWIN
;
_entity_poly.pdbx_strand_id   A,B
#
# COMPACT_ATOMS: atom_id res chain seq x y z
N ARG A 5 9.75 16.36 -6.34
CA ARG A 5 8.44 15.71 -6.73
C ARG A 5 7.87 16.36 -7.98
N ASP A 6 7.83 17.70 -7.99
CA ASP A 6 7.37 18.45 -9.15
C ASP A 6 8.25 18.14 -10.37
N VAL A 7 9.56 18.02 -10.18
CA VAL A 7 10.46 17.70 -11.28
C VAL A 7 10.12 16.37 -11.97
N PHE A 8 9.98 15.32 -11.19
CA PHE A 8 9.67 14.00 -11.76
C PHE A 8 8.29 13.99 -12.37
N HIS A 9 7.39 14.75 -11.77
CA HIS A 9 6.05 14.88 -12.30
C HIS A 9 6.12 15.50 -13.72
N GLU A 10 6.92 16.56 -13.87
CA GLU A 10 7.08 17.22 -15.14
C GLU A 10 7.78 16.30 -16.14
N VAL A 11 8.77 15.54 -15.68
CA VAL A 11 9.46 14.58 -16.56
C VAL A 11 8.46 13.59 -17.15
N VAL A 12 7.59 13.03 -16.32
CA VAL A 12 6.62 12.06 -16.82
C VAL A 12 5.64 12.70 -17.79
N LYS A 13 5.20 13.92 -17.49
CA LYS A 13 4.32 14.63 -18.41
C LYS A 13 4.99 14.82 -19.74
N THR A 14 6.27 15.22 -19.72
CA THR A 14 7.05 15.41 -20.92
C THR A 14 7.16 14.12 -21.71
N ALA A 15 7.47 13.03 -21.02
CA ALA A 15 7.59 11.72 -21.65
C ALA A 15 6.27 11.30 -22.29
N LEU A 16 5.18 11.51 -21.56
CA LEU A 16 3.84 11.21 -22.11
C LEU A 16 3.58 12.02 -23.39
N LYS A 17 3.80 13.32 -23.33
CA LYS A 17 3.51 14.15 -24.50
C LYS A 17 4.37 13.78 -25.72
N LYS A 18 5.61 13.38 -25.50
CA LYS A 18 6.46 12.95 -26.60
C LYS A 18 5.88 11.73 -27.35
N ASP A 19 5.13 10.91 -26.62
CA ASP A 19 4.51 9.73 -27.23
C ASP A 19 3.09 10.03 -27.72
N GLY A 20 2.72 11.30 -27.75
CA GLY A 20 1.38 11.64 -28.27
C GLY A 20 0.22 11.59 -27.34
N TRP A 21 0.49 11.44 -26.03
CA TRP A 21 -0.57 11.46 -25.02
C TRP A 21 -0.96 12.90 -24.72
N GLN A 22 -2.25 13.11 -24.54
CA GLN A 22 -2.82 14.39 -24.18
C GLN A 22 -3.09 14.36 -22.69
N ILE A 23 -2.50 15.30 -21.97
CA ILE A 23 -2.74 15.43 -20.57
C ILE A 23 -4.10 16.13 -20.33
N THR A 24 -5.03 15.50 -19.59
CA THR A 24 -6.35 16.10 -19.41
C THR A 24 -6.61 16.65 -18.01
N ASP A 25 -5.91 16.14 -17.03
CA ASP A 25 -6.06 16.60 -15.67
C ASP A 25 -4.78 16.35 -14.91
N ASP A 26 -4.44 17.35 -14.12
CA ASP A 26 -3.27 17.27 -13.31
C ASP A 26 -3.44 18.34 -12.26
N PRO A 27 -3.84 17.95 -11.05
CA PRO A 27 -4.10 16.58 -10.64
C PRO A 27 -5.47 16.05 -11.02
N LEU A 28 -5.52 14.73 -11.21
CA LEU A 28 -6.77 14.04 -11.36
C LEU A 28 -7.24 13.85 -9.93
N THR A 29 -8.37 14.44 -9.56
CA THR A 29 -8.88 14.28 -8.19
C THR A 29 -9.94 13.21 -8.18
N ILE A 30 -9.94 12.41 -7.11
CA ILE A 30 -10.89 11.32 -6.97
C ILE A 30 -11.58 11.42 -5.61
N SER A 31 -12.91 11.50 -5.63
CA SER A 31 -13.68 11.50 -4.39
C SER A 31 -14.68 10.35 -4.47
N VAL A 32 -14.66 9.44 -3.51
CA VAL A 32 -15.61 8.36 -3.57
C VAL A 32 -15.76 7.71 -2.21
N GLY A 33 -16.98 7.29 -1.92
CA GLY A 33 -17.26 6.54 -0.73
C GLY A 33 -16.83 7.18 0.56
N GLY A 34 -17.01 8.50 0.63
CA GLY A 34 -16.71 9.26 1.85
C GLY A 34 -15.28 9.71 2.00
N VAL A 35 -14.46 9.46 0.99
CA VAL A 35 -13.07 9.83 1.05
C VAL A 35 -12.62 10.61 -0.18
N ASN A 36 -11.79 11.63 0.06
CA ASN A 36 -11.20 12.42 -1.00
CA ASN A 36 -11.20 12.41 -1.01
C ASN A 36 -9.75 12.00 -1.06
N LEU A 37 -9.38 11.34 -2.14
CA LEU A 37 -8.03 10.85 -2.30
C LEU A 37 -7.15 11.92 -2.97
N LYS A 45 -0.15 14.02 -6.82
CA LYS A 45 -0.96 14.50 -7.95
C LYS A 45 -0.95 13.48 -9.13
N LEU A 46 -2.00 12.67 -9.22
CA LEU A 46 -2.12 11.74 -10.31
C LEU A 46 -2.26 12.53 -11.60
N ILE A 47 -1.69 12.01 -12.66
CA ILE A 47 -1.83 12.58 -13.99
C ILE A 47 -2.89 11.80 -14.75
N ALA A 48 -3.86 12.49 -15.34
CA ALA A 48 -4.84 11.84 -16.22
C ALA A 48 -4.41 12.18 -17.65
N ALA A 49 -4.43 11.19 -18.53
CA ALA A 49 -4.07 11.43 -19.90
C ALA A 49 -4.84 10.51 -20.79
N GLU A 50 -4.85 10.85 -22.07
CA GLU A 50 -5.52 9.99 -23.02
C GLU A 50 -4.91 10.04 -24.38
N ARG A 51 -5.12 9.00 -25.17
CA ARG A 51 -4.60 8.95 -26.53
C ARG A 51 -5.50 8.05 -27.36
N GLN A 52 -6.02 8.59 -28.46
CA GLN A 52 -6.91 7.84 -29.32
CA GLN A 52 -6.94 7.87 -29.33
C GLN A 52 -8.01 7.17 -28.50
N GLY A 53 -8.59 7.94 -27.59
CA GLY A 53 -9.65 7.43 -26.74
C GLY A 53 -9.29 6.51 -25.59
N GLN A 54 -8.04 6.04 -25.53
CA GLN A 54 -7.59 5.19 -24.42
CA GLN A 54 -7.53 5.18 -24.45
C GLN A 54 -7.20 6.11 -23.28
N LYS A 55 -7.83 5.91 -22.13
CA LYS A 55 -7.65 6.76 -20.92
C LYS A 55 -6.79 6.09 -19.89
N ILE A 56 -5.89 6.86 -19.31
CA ILE A 56 -4.98 6.39 -18.26
C ILE A 56 -4.87 7.38 -17.11
N ALA A 57 -4.43 6.84 -15.97
CA ALA A 57 -4.06 7.63 -14.81
C ALA A 57 -2.65 7.16 -14.44
N VAL A 58 -1.78 8.09 -14.06
CA VAL A 58 -0.42 7.75 -13.75
C VAL A 58 -0.05 8.28 -12.40
N GLU A 59 0.38 7.33 -11.56
CA GLU A 59 0.93 7.54 -10.21
C GLU A 59 2.45 7.68 -10.33
N VAL A 60 2.94 8.91 -10.19
CA VAL A 60 4.36 9.17 -10.37
C VAL A 60 5.18 8.97 -9.13
N LYS A 61 6.24 8.15 -9.26
CA LYS A 61 7.22 7.91 -8.20
C LYS A 61 8.64 8.10 -8.73
N SER A 62 9.49 8.63 -7.86
CA SER A 62 10.89 8.89 -8.24
C SER A 62 11.86 7.94 -7.53
N PHE A 63 11.42 7.31 -6.44
CA PHE A 63 12.24 6.37 -5.70
C PHE A 63 13.61 6.94 -5.41
N LEU A 64 13.60 8.06 -4.72
CA LEU A 64 14.84 8.73 -4.36
C LEU A 64 15.55 8.00 -3.24
N LYS A 65 16.87 8.02 -3.33
CA LYS A 65 17.75 7.37 -2.36
C LYS A 65 17.60 7.89 -0.93
N GLN A 66 16.86 8.98 -0.75
CA GLN A 66 16.68 9.58 0.59
C GLN A 66 16.04 8.61 1.60
N SER A 67 15.15 7.73 1.11
CA SER A 67 14.51 6.73 1.97
C SER A 67 14.71 5.37 1.34
N SER A 68 14.46 4.32 2.10
CA SER A 68 14.62 3.00 1.57
C SER A 68 13.67 2.84 0.42
N ALA A 69 14.10 2.10 -0.62
CA ALA A 69 13.22 1.79 -1.71
C ALA A 69 12.01 1.01 -1.18
N ILE A 70 12.24 0.12 -0.21
CA ILE A 70 11.13 -0.67 0.33
C ILE A 70 10.08 0.24 1.02
N SER A 71 10.51 1.22 1.80
CA SER A 71 9.54 2.12 2.44
C SER A 71 8.75 2.91 1.39
N GLU A 72 9.44 3.37 0.35
CA GLU A 72 8.81 4.10 -0.74
C GLU A 72 7.84 3.20 -1.44
N PHE A 73 8.21 1.93 -1.60
CA PHE A 73 7.38 0.94 -2.25
C PHE A 73 6.12 0.66 -1.45
N HIS A 74 6.21 0.51 -0.14
CA HIS A 74 5.00 0.29 0.65
C HIS A 74 3.94 1.37 0.34
N THR A 75 4.35 2.63 0.43
CA THR A 75 3.42 3.72 0.20
C THR A 75 2.93 3.74 -1.25
N ALA A 76 3.85 3.57 -2.20
CA ALA A 76 3.46 3.56 -3.61
C ALA A 76 2.44 2.45 -3.92
N LEU A 77 2.65 1.28 -3.33
CA LEU A 77 1.79 0.13 -3.56
C LEU A 77 0.39 0.38 -2.95
N GLY A 78 0.35 0.87 -1.72
CA GLY A 78 -0.91 1.16 -1.07
C GLY A 78 -1.70 2.20 -1.84
N GLN A 79 -1.01 3.26 -2.25
CA GLN A 79 -1.63 4.27 -3.11
CA GLN A 79 -1.62 4.26 -3.13
C GLN A 79 -2.17 3.64 -4.39
N PHE A 80 -1.39 2.78 -5.02
CA PHE A 80 -1.79 2.17 -6.25
C PHE A 80 -3.08 1.38 -6.05
N ILE A 81 -3.10 0.51 -5.03
CA ILE A 81 -4.27 -0.28 -4.78
C ILE A 81 -5.51 0.57 -4.46
N ASN A 82 -5.34 1.59 -3.63
CA ASN A 82 -6.44 2.48 -3.31
C ASN A 82 -6.93 3.25 -4.51
N TYR A 83 -6.02 3.84 -5.26
CA TYR A 83 -6.41 4.57 -6.46
C TYR A 83 -7.05 3.67 -7.49
N ARG A 84 -6.51 2.48 -7.69
CA ARG A 84 -7.09 1.56 -8.65
C ARG A 84 -8.51 1.20 -8.23
N GLY A 85 -8.70 0.90 -6.94
CA GLY A 85 -9.99 0.50 -6.44
C GLY A 85 -11.00 1.64 -6.55
N ALA A 86 -10.56 2.86 -6.28
CA ALA A 86 -11.42 4.03 -6.40
C ALA A 86 -11.80 4.27 -7.87
N LEU A 87 -10.83 4.20 -8.77
CA LEU A 87 -11.10 4.45 -10.19
C LEU A 87 -12.11 3.45 -10.78
N ARG A 88 -12.07 2.19 -10.34
CA ARG A 88 -13.04 1.22 -10.81
C ARG A 88 -14.46 1.73 -10.61
N LYS A 89 -14.69 2.38 -9.46
CA LYS A 89 -16.01 2.83 -9.05
C LYS A 89 -16.34 4.27 -9.44
N VAL A 90 -15.43 4.94 -10.16
CA VAL A 90 -15.62 6.31 -10.59
C VAL A 90 -15.39 6.52 -12.09
N GLU A 91 -14.27 6.02 -12.61
CA GLU A 91 -13.94 6.13 -14.00
CA GLU A 91 -13.89 6.13 -14.02
C GLU A 91 -13.32 4.79 -14.46
N PRO A 92 -14.19 3.81 -14.67
CA PRO A 92 -13.73 2.46 -14.93
C PRO A 92 -13.03 2.23 -16.25
N ASP A 93 -13.06 3.22 -17.16
CA ASP A 93 -12.30 3.07 -18.37
C ASP A 93 -10.91 3.67 -18.29
N ARG A 94 -10.55 4.25 -17.16
CA ARG A 94 -9.25 4.88 -17.01
C ARG A 94 -8.35 3.96 -16.27
N VAL A 95 -7.31 3.50 -16.96
CA VAL A 95 -6.40 2.50 -16.42
C VAL A 95 -5.23 3.12 -15.69
N LEU A 96 -4.98 2.66 -14.46
CA LEU A 96 -3.90 3.19 -13.63
C LEU A 96 -2.56 2.49 -13.84
N TYR A 97 -1.52 3.33 -13.95
CA TYR A 97 -0.14 2.86 -14.06
C TYR A 97 0.72 3.50 -12.96
N LEU A 98 1.66 2.72 -12.44
CA LEU A 98 2.71 3.23 -11.53
C LEU A 98 3.87 3.62 -12.43
N ALA A 99 4.24 4.89 -12.39
CA ALA A 99 5.41 5.37 -13.20
C ALA A 99 6.68 5.21 -12.35
N VAL A 100 7.64 4.48 -12.88
CA VAL A 100 8.89 4.11 -12.22
CA VAL A 100 8.91 4.37 -12.17
C VAL A 100 10.09 4.57 -13.10
N PRO A 101 11.11 5.18 -12.53
CA PRO A 101 12.31 5.42 -13.34
C PRO A 101 12.97 4.14 -13.81
N LEU A 102 13.61 4.18 -14.96
CA LEU A 102 14.28 3.04 -15.52
C LEU A 102 15.34 2.51 -14.58
N THR A 103 16.07 3.40 -13.94
CA THR A 103 17.12 2.97 -12.99
C THR A 103 16.51 2.12 -11.87
N THR A 104 15.38 2.57 -11.34
CA THR A 104 14.68 1.84 -10.29
C THR A 104 14.15 0.51 -10.81
N TYR A 105 13.58 0.56 -12.01
CA TYR A 105 13.06 -0.62 -12.68
C TYR A 105 14.13 -1.71 -12.83
N LYS A 106 15.32 -1.31 -13.24
CA LYS A 106 16.44 -2.23 -13.50
C LYS A 106 17.11 -2.76 -12.26
N THR A 107 16.87 -2.10 -11.11
CA THR A 107 17.51 -2.48 -9.87
C THR A 107 16.47 -3.05 -8.88
N PHE A 108 15.80 -2.18 -8.14
CA PHE A 108 14.83 -2.61 -7.15
C PHE A 108 13.80 -3.55 -7.73
N PHE A 109 13.22 -3.18 -8.86
CA PHE A 109 12.16 -4.03 -9.41
C PHE A 109 12.66 -5.31 -10.09
N GLN A 110 13.96 -5.55 -10.14
CA GLN A 110 14.50 -6.82 -10.61
C GLN A 110 14.85 -7.74 -9.46
N LEU A 111 14.77 -7.23 -8.22
CA LEU A 111 14.91 -8.07 -7.06
C LEU A 111 13.68 -8.99 -7.01
N ASP A 112 13.89 -10.22 -6.55
CA ASP A 112 12.85 -11.24 -6.57
C ASP A 112 11.56 -10.82 -5.86
N PHE A 113 11.68 -10.23 -4.69
CA PHE A 113 10.48 -9.89 -3.92
C PHE A 113 9.61 -8.80 -4.59
N PRO A 114 10.19 -7.62 -4.88
CA PRO A 114 9.34 -6.60 -5.52
C PRO A 114 8.79 -7.04 -6.84
N LYS A 115 9.61 -7.75 -7.62
CA LYS A 115 9.13 -8.26 -8.88
C LYS A 115 7.88 -9.13 -8.67
N GLU A 116 7.95 -10.03 -7.71
CA GLU A 116 6.80 -10.94 -7.42
C GLU A 116 5.58 -10.18 -6.91
N ILE A 117 5.78 -9.23 -5.99
CA ILE A 117 4.63 -8.49 -5.48
C ILE A 117 3.89 -7.69 -6.56
N ILE A 118 4.66 -7.08 -7.46
CA ILE A 118 4.09 -6.35 -8.59
C ILE A 118 3.23 -7.26 -9.42
N ILE A 119 3.73 -8.43 -9.76
CA ILE A 119 3.01 -9.36 -10.60
CA ILE A 119 2.94 -9.29 -10.63
C ILE A 119 1.81 -9.92 -9.84
N GLU A 120 2.00 -10.24 -8.54
CA GLU A 120 0.87 -10.80 -7.81
C GLU A 120 -0.31 -9.85 -7.69
N ASN A 121 -0.01 -8.54 -7.72
CA ASN A 121 -1.00 -7.51 -7.54
C ASN A 121 -1.39 -6.75 -8.82
N GLN A 122 -0.96 -7.28 -9.95
CA GLN A 122 -1.29 -6.64 -11.26
C GLN A 122 -0.95 -5.15 -11.31
N VAL A 123 0.19 -4.81 -10.76
CA VAL A 123 0.63 -3.44 -10.73
C VAL A 123 1.23 -3.07 -12.10
N LYS A 124 0.39 -2.45 -12.93
CA LYS A 124 0.81 -1.99 -14.23
C LYS A 124 1.81 -0.86 -14.07
N LEU A 126 4.58 2.18 -15.90
CA LEU A 126 5.08 3.05 -16.97
C LEU A 126 6.53 3.28 -16.57
N VAL A 127 7.47 2.67 -17.32
CA VAL A 127 8.90 2.82 -17.01
C VAL A 127 9.42 3.94 -17.90
N TYR A 128 9.94 4.96 -17.23
CA TYR A 128 10.42 6.17 -17.92
C TYR A 128 11.88 6.44 -17.62
N ASP A 129 12.57 6.95 -18.63
CA ASP A 129 13.96 7.33 -18.53
C ASP A 129 13.98 8.79 -18.09
N VAL A 130 14.58 9.03 -16.94
CA VAL A 130 14.54 10.37 -16.36
C VAL A 130 15.36 11.41 -17.11
N GLU A 131 16.60 11.08 -17.45
CA GLU A 131 17.50 12.04 -18.10
C GLU A 131 16.98 12.43 -19.48
N GLN A 132 16.50 11.46 -20.24
CA GLN A 132 16.02 11.76 -21.59
C GLN A 132 14.56 12.12 -21.67
N GLU A 133 13.84 11.89 -20.58
N GLU A 133 13.84 11.88 -20.57
CA GLU A 133 12.41 12.21 -20.45
CA GLU A 133 12.43 12.20 -20.45
C GLU A 133 11.58 11.52 -21.53
C GLU A 133 11.64 11.53 -21.55
N VAL A 134 11.70 10.20 -21.58
CA VAL A 134 10.96 9.39 -22.54
C VAL A 134 10.35 8.18 -21.84
N ILE A 135 9.31 7.65 -22.46
CA ILE A 135 8.70 6.38 -22.01
C ILE A 135 9.49 5.24 -22.66
N PHE A 136 10.06 4.43 -21.81
CA PHE A 136 10.79 3.22 -22.22
C PHE A 136 9.88 2.03 -22.43
N GLN A 137 8.98 1.77 -21.50
CA GLN A 137 8.17 0.57 -21.59
CA GLN A 137 8.12 0.61 -21.67
C GLN A 137 6.88 0.69 -20.82
N TRP A 138 5.82 0.20 -21.40
CA TRP A 138 4.55 0.01 -20.69
C TRP A 138 4.47 -1.47 -20.30
N ILE A 139 4.12 -1.74 -19.02
CA ILE A 139 4.01 -3.11 -18.52
C ILE A 139 2.58 -3.29 -18.07
N ASN A 140 1.81 -4.02 -18.88
CA ASN A 140 0.38 -4.22 -18.65
C ASN A 140 0.08 -5.50 -17.98
N ARG B 5 4.28 5.76 18.81
CA ARG B 5 4.32 4.43 18.10
C ARG B 5 4.60 3.30 19.09
N ASP B 6 5.61 3.50 19.95
CA ASP B 6 5.94 2.52 20.99
C ASP B 6 4.74 2.31 21.93
N VAL B 7 4.01 3.39 22.25
CA VAL B 7 2.85 3.28 23.14
C VAL B 7 1.77 2.36 22.57
N PHE B 8 1.41 2.59 21.32
CA PHE B 8 0.38 1.77 20.68
C PHE B 8 0.85 0.36 20.49
N HIS B 9 2.13 0.21 20.21
CA HIS B 9 2.71 -1.11 20.10
C HIS B 9 2.53 -1.86 21.43
N GLU B 10 2.83 -1.20 22.55
CA GLU B 10 2.70 -1.80 23.87
C GLU B 10 1.23 -2.08 24.20
N VAL B 11 0.33 -1.19 23.80
CA VAL B 11 -1.12 -1.43 24.02
C VAL B 11 -1.55 -2.72 23.32
N VAL B 12 -1.12 -2.94 22.08
CA VAL B 12 -1.54 -4.14 21.35
C VAL B 12 -0.92 -5.37 21.99
N LYS B 13 0.34 -5.28 22.41
CA LYS B 13 0.97 -6.41 23.11
C LYS B 13 0.19 -6.75 24.37
N THR B 14 -0.19 -5.73 25.12
CA THR B 14 -0.97 -5.92 26.34
C THR B 14 -2.30 -6.59 26.04
N ALA B 15 -2.97 -6.09 25.01
CA ALA B 15 -4.28 -6.63 24.63
C ALA B 15 -4.15 -8.09 24.22
N LEU B 16 -3.09 -8.39 23.44
CA LEU B 16 -2.81 -9.79 23.04
C LEU B 16 -2.61 -10.68 24.26
N LYS B 17 -1.75 -10.27 25.18
CA LYS B 17 -1.49 -11.10 26.35
C LYS B 17 -2.72 -11.31 27.23
N LYS B 18 -3.59 -10.31 27.31
CA LYS B 18 -4.80 -10.48 28.09
C LYS B 18 -5.70 -11.59 27.54
N ASP B 19 -5.62 -11.82 26.23
CA ASP B 19 -6.40 -12.88 25.57
C ASP B 19 -5.61 -14.23 25.50
N GLY B 20 -4.50 -14.29 26.21
CA GLY B 20 -3.74 -15.52 26.24
C GLY B 20 -2.77 -15.78 25.12
N TRP B 21 -2.48 -14.75 24.31
CA TRP B 21 -1.50 -14.90 23.24
C TRP B 21 -0.10 -14.74 23.83
N GLN B 22 0.81 -15.55 23.32
CA GLN B 22 2.22 -15.52 23.68
C GLN B 22 2.97 -14.74 22.61
N ILE B 23 3.64 -13.67 23.01
CA ILE B 23 4.44 -12.87 22.11
CA ILE B 23 4.43 -12.91 22.06
C ILE B 23 5.77 -13.62 21.85
N THR B 24 6.09 -13.97 20.60
CA THR B 24 7.32 -14.72 20.33
C THR B 24 8.43 -13.93 19.68
N ASP B 25 8.08 -12.82 19.04
CA ASP B 25 9.08 -11.97 18.39
C ASP B 25 8.54 -10.57 18.26
N ASP B 26 9.41 -9.63 18.55
CA ASP B 26 9.05 -8.25 18.47
C ASP B 26 10.36 -7.49 18.44
N PRO B 27 10.80 -7.06 17.26
CA PRO B 27 10.10 -7.22 15.99
C PRO B 27 10.28 -8.57 15.33
N LEU B 28 9.26 -8.95 14.56
CA LEU B 28 9.34 -10.10 13.69
C LEU B 28 10.06 -9.53 12.46
N THR B 29 11.25 -10.03 12.16
CA THR B 29 11.96 -9.56 10.97
C THR B 29 11.75 -10.51 9.81
N ILE B 30 11.62 -9.94 8.61
CA ILE B 30 11.35 -10.73 7.43
C ILE B 30 12.34 -10.35 6.35
N SER B 31 13.11 -11.32 5.86
CA SER B 31 14.04 -11.09 4.76
C SER B 31 13.68 -12.07 3.65
N VAL B 32 13.39 -11.57 2.45
CA VAL B 32 13.10 -12.49 1.39
C VAL B 32 13.26 -11.83 0.04
N GLY B 33 13.71 -12.62 -0.94
CA GLY B 33 13.78 -12.17 -2.30
C GLY B 33 14.57 -10.90 -2.52
N GLY B 34 15.66 -10.75 -1.77
CA GLY B 34 16.56 -9.62 -1.93
C GLY B 34 16.21 -8.38 -1.15
N VAL B 35 15.16 -8.46 -0.35
CA VAL B 35 14.71 -7.34 0.45
C VAL B 35 14.58 -7.70 1.93
N ASN B 36 14.97 -6.76 2.78
CA ASN B 36 14.80 -6.90 4.23
C ASN B 36 13.70 -5.94 4.57
N LEU B 37 12.57 -6.48 4.99
CA LEU B 37 11.41 -5.66 5.33
C LEU B 37 11.47 -5.25 6.80
N LYS B 45 7.66 -2.26 13.49
CA LYS B 45 7.96 -3.51 14.20
C LYS B 45 6.72 -4.43 14.28
N LEU B 46 6.65 -5.42 13.39
CA LEU B 46 5.59 -6.38 13.43
C LEU B 46 5.71 -7.21 14.71
N ILE B 47 4.58 -7.56 15.27
CA ILE B 47 4.53 -8.42 16.44
C ILE B 47 4.20 -9.83 15.96
N ALA B 48 4.97 -10.83 16.38
CA ALA B 48 4.67 -12.23 16.10
C ALA B 48 4.12 -12.80 17.41
N ALA B 49 3.04 -13.55 17.33
CA ALA B 49 2.45 -14.15 18.53
C ALA B 49 1.83 -15.45 18.15
N GLU B 50 1.54 -16.23 19.19
CA GLU B 50 0.88 -17.48 18.95
C GLU B 50 0.05 -17.89 20.13
N ARG B 51 -0.93 -18.77 19.85
CA ARG B 51 -1.81 -19.28 20.90
C ARG B 51 -2.32 -20.64 20.47
N GLN B 52 -2.11 -21.65 21.33
CA GLN B 52 -2.54 -22.99 21.01
CA GLN B 52 -2.52 -23.01 21.01
C GLN B 52 -2.10 -23.38 19.58
N GLY B 53 -0.86 -23.07 19.27
CA GLY B 53 -0.30 -23.39 17.96
C GLY B 53 -0.69 -22.53 16.78
N GLN B 54 -1.69 -21.65 16.96
N GLN B 54 -1.66 -21.64 16.94
CA GLN B 54 -2.12 -20.73 15.89
C GLN B 54 -1.16 -19.55 15.91
N LYS B 55 -0.52 -19.29 14.78
CA LYS B 55 0.51 -18.24 14.63
C LYS B 55 -0.01 -17.04 13.88
N ILE B 56 0.34 -15.86 14.38
CA ILE B 56 -0.07 -14.60 13.78
C ILE B 56 1.05 -13.59 13.76
N ALA B 57 0.88 -12.62 12.88
CA ALA B 57 1.75 -11.44 12.80
C ALA B 57 0.80 -10.25 12.83
N VAL B 58 1.18 -9.22 13.59
CA VAL B 58 0.31 -8.07 13.71
C VAL B 58 1.06 -6.82 13.34
N GLU B 59 0.49 -6.10 12.38
CA GLU B 59 0.90 -4.79 11.89
C GLU B 59 0.15 -3.71 12.66
N VAL B 60 0.85 -3.05 13.56
CA VAL B 60 0.19 -2.08 14.44
C VAL B 60 0.12 -0.69 13.85
N LYS B 61 -1.10 -0.12 13.86
CA LYS B 61 -1.37 1.25 13.43
C LYS B 61 -2.21 1.97 14.50
N SER B 62 -1.94 3.25 14.64
CA SER B 62 -2.64 4.09 15.61
C SER B 62 -3.58 5.09 14.93
N PHE B 63 -3.32 5.39 13.65
CA PHE B 63 -4.16 6.31 12.89
C PHE B 63 -4.36 7.61 13.63
N LEU B 64 -3.23 8.25 13.94
CA LEU B 64 -3.25 9.50 14.66
C LEU B 64 -3.71 10.63 13.74
N LYS B 65 -4.46 11.53 14.36
CA LYS B 65 -5.01 12.72 13.68
C LYS B 65 -3.95 13.64 13.06
N GLN B 66 -2.67 13.39 13.36
CA GLN B 66 -1.58 14.23 12.84
C GLN B 66 -1.52 14.25 11.30
N SER B 67 -1.91 13.14 10.67
CA SER B 67 -1.95 13.06 9.21
C SER B 67 -3.31 12.58 8.82
N SER B 68 -3.65 12.70 7.55
CA SER B 68 -4.94 12.25 7.09
C SER B 68 -5.01 10.76 7.30
N ALA B 69 -6.20 10.28 7.65
CA ALA B 69 -6.41 8.87 7.79
C ALA B 69 -6.11 8.20 6.45
N ILE B 70 -6.50 8.82 5.34
CA ILE B 70 -6.26 8.23 4.02
C ILE B 70 -4.76 8.08 3.75
N SER B 71 -3.93 9.06 4.08
CA SER B 71 -2.50 8.92 3.84
C SER B 71 -1.94 7.79 4.71
N GLU B 72 -2.41 7.71 5.95
CA GLU B 72 -1.97 6.64 6.86
C GLU B 72 -2.41 5.32 6.30
N PHE B 73 -3.62 5.27 5.74
CA PHE B 73 -4.15 4.06 5.17
C PHE B 73 -3.36 3.58 3.95
N HIS B 74 -2.97 4.51 3.08
CA HIS B 74 -2.15 4.08 1.93
C HIS B 74 -0.93 3.28 2.38
N THR B 75 -0.18 3.86 3.31
CA THR B 75 1.05 3.21 3.78
C THR B 75 0.74 1.91 4.51
N ALA B 76 -0.27 1.93 5.38
CA ALA B 76 -0.66 0.73 6.12
C ALA B 76 -1.07 -0.42 5.19
N LEU B 77 -1.81 -0.08 4.13
CA LEU B 77 -2.30 -1.04 3.15
C LEU B 77 -1.13 -1.65 2.38
N GLY B 78 -0.24 -0.79 1.91
CA GLY B 78 0.93 -1.26 1.14
C GLY B 78 1.81 -2.17 1.99
N GLN B 79 2.05 -1.73 3.22
CA GLN B 79 2.79 -2.57 4.17
C GLN B 79 2.09 -3.91 4.33
N PHE B 80 0.78 -3.91 4.53
CA PHE B 80 0.03 -5.13 4.73
C PHE B 80 0.21 -6.08 3.56
N ILE B 81 0.03 -5.58 2.34
CA ILE B 81 0.15 -6.43 1.16
C ILE B 81 1.57 -6.97 1.02
N ASN B 82 2.59 -6.11 1.25
CA ASN B 82 3.97 -6.56 1.17
C ASN B 82 4.30 -7.59 2.22
N TYR B 83 3.93 -7.30 3.46
CA TYR B 83 4.20 -8.25 4.56
C TYR B 83 3.46 -9.55 4.36
N ARG B 84 2.21 -9.48 3.91
CA ARG B 84 1.43 -10.71 3.67
C ARG B 84 2.09 -11.56 2.59
N GLY B 85 2.50 -10.90 1.52
CA GLY B 85 3.12 -11.57 0.38
C GLY B 85 4.44 -12.20 0.78
N ALA B 86 5.22 -11.48 1.60
CA ALA B 86 6.50 -12.01 2.07
C ALA B 86 6.28 -13.19 3.02
N LEU B 87 5.34 -13.06 3.95
CA LEU B 87 5.09 -14.15 4.90
C LEU B 87 4.63 -15.43 4.22
N ARG B 88 3.89 -15.33 3.13
CA ARG B 88 3.48 -16.56 2.42
C ARG B 88 4.70 -17.38 2.03
N LYS B 89 5.78 -16.70 1.64
CA LYS B 89 6.99 -17.33 1.11
C LYS B 89 8.06 -17.58 2.15
N VAL B 90 7.78 -17.27 3.41
CA VAL B 90 8.72 -17.46 4.49
C VAL B 90 8.13 -18.23 5.68
N GLU B 91 6.95 -17.80 6.15
CA GLU B 91 6.28 -18.46 7.24
CA GLU B 91 6.25 -18.44 7.27
C GLU B 91 4.78 -18.54 6.90
N PRO B 92 4.44 -19.48 6.03
CA PRO B 92 3.09 -19.55 5.51
C PRO B 92 2.01 -19.92 6.52
N ASP B 93 2.37 -20.36 7.70
CA ASP B 93 1.34 -20.63 8.69
C ASP B 93 1.07 -19.44 9.61
N ARG B 94 1.78 -18.35 9.42
CA ARG B 94 1.61 -17.18 10.28
C ARG B 94 0.72 -16.18 9.57
N VAL B 95 -0.46 -15.94 10.13
CA VAL B 95 -1.46 -15.09 9.51
C VAL B 95 -1.32 -13.66 9.93
N LEU B 96 -1.29 -12.76 8.96
CA LEU B 96 -1.13 -11.32 9.22
C LEU B 96 -2.44 -10.59 9.43
N TYR B 97 -2.44 -9.77 10.49
CA TYR B 97 -3.55 -8.88 10.81
C TYR B 97 -3.07 -7.41 10.89
N LEU B 98 -3.94 -6.50 10.46
CA LEU B 98 -3.74 -5.06 10.64
C LEU B 98 -4.45 -4.71 11.95
N ALA B 99 -3.72 -4.19 12.91
CA ALA B 99 -4.32 -3.77 14.17
C ALA B 99 -4.76 -2.33 14.06
N VAL B 100 -6.04 -2.08 14.35
CA VAL B 100 -6.72 -0.79 14.20
CA VAL B 100 -6.51 -0.69 14.35
C VAL B 100 -7.39 -0.41 15.55
N PRO B 101 -7.25 0.81 16.04
CA PRO B 101 -8.03 1.22 17.20
C PRO B 101 -9.53 1.16 16.91
N LEU B 102 -10.31 0.89 17.94
CA LEU B 102 -11.74 0.81 17.80
C LEU B 102 -12.33 2.12 17.30
N THR B 103 -11.78 3.24 17.77
CA THR B 103 -12.29 4.55 17.32
C THR B 103 -12.12 4.71 15.80
N THR B 104 -10.97 4.29 15.30
CA THR B 104 -10.69 4.32 13.86
C THR B 104 -11.60 3.37 13.11
N TYR B 105 -11.75 2.18 13.66
CA TYR B 105 -12.61 1.16 13.07
C TYR B 105 -14.07 1.67 12.91
N LYS B 106 -14.58 2.34 13.93
CA LYS B 106 -15.95 2.84 13.95
C LYS B 106 -16.18 4.07 13.10
N THR B 107 -15.11 4.75 12.69
CA THR B 107 -15.22 5.97 11.92
C THR B 107 -14.68 5.76 10.49
N PHE B 108 -13.37 5.89 10.33
CA PHE B 108 -12.76 5.76 9.03
C PHE B 108 -13.14 4.44 8.36
N PHE B 109 -13.03 3.33 9.07
CA PHE B 109 -13.31 2.06 8.44
C PHE B 109 -14.81 1.74 8.22
N GLN B 110 -15.70 2.61 8.65
CA GLN B 110 -17.12 2.51 8.32
C GLN B 110 -17.49 3.37 7.13
N LEU B 111 -16.57 4.19 6.65
CA LEU B 111 -16.80 4.92 5.44
C LEU B 111 -16.81 3.88 4.30
N ASP B 112 -17.62 4.13 3.28
CA ASP B 112 -17.82 3.18 2.21
C ASP B 112 -16.53 2.77 1.49
N PHE B 113 -15.67 3.72 1.18
CA PHE B 113 -14.47 3.38 0.42
C PHE B 113 -13.50 2.51 1.20
N PRO B 114 -13.05 2.95 2.39
CA PRO B 114 -12.09 2.08 3.11
C PRO B 114 -12.68 0.73 3.43
N LYS B 115 -13.96 0.71 3.81
CA LYS B 115 -14.59 -0.55 4.10
C LYS B 115 -14.45 -1.49 2.88
N GLU B 116 -14.77 -0.98 1.71
CA GLU B 116 -14.71 -1.78 0.48
C GLU B 116 -13.28 -2.23 0.14
N ILE B 117 -12.32 -1.33 0.23
CA ILE B 117 -10.95 -1.72 -0.08
C ILE B 117 -10.45 -2.81 0.83
N ILE B 118 -10.75 -2.71 2.13
CA ILE B 118 -10.35 -3.74 3.10
C ILE B 118 -10.89 -5.09 2.69
N ILE B 119 -12.18 -5.13 2.32
CA ILE B 119 -12.81 -6.37 1.92
C ILE B 119 -12.27 -6.87 0.59
N GLU B 120 -12.06 -5.95 -0.37
CA GLU B 120 -11.57 -6.39 -1.66
C GLU B 120 -10.21 -7.04 -1.59
N ASN B 121 -9.42 -6.58 -0.59
CA ASN B 121 -8.06 -7.05 -0.44
C ASN B 121 -7.83 -8.03 0.69
N GLN B 122 -8.92 -8.55 1.26
CA GLN B 122 -8.81 -9.52 2.37
C GLN B 122 -7.90 -9.04 3.51
N VAL B 123 -8.03 -7.78 3.87
CA VAL B 123 -7.22 -7.22 4.93
C VAL B 123 -7.85 -7.60 6.29
N LYS B 124 -7.31 -8.65 6.87
CA LYS B 124 -7.72 -9.13 8.17
C LYS B 124 -7.33 -8.08 9.22
N LEU B 126 -7.36 -6.71 13.51
CA LEU B 126 -7.42 -6.91 14.95
C LEU B 126 -7.87 -5.52 15.43
N VAL B 127 -9.12 -5.44 15.88
CA VAL B 127 -9.65 -4.17 16.39
C VAL B 127 -9.44 -4.16 17.90
N TYR B 128 -8.71 -3.14 18.36
CA TYR B 128 -8.38 -3.05 19.80
C TYR B 128 -8.83 -1.75 20.39
N ASP B 129 -9.25 -1.81 21.65
CA ASP B 129 -9.67 -0.63 22.39
C ASP B 129 -8.42 -0.08 23.07
N VAL B 130 -8.07 1.14 22.72
CA VAL B 130 -6.83 1.72 23.23
C VAL B 130 -6.82 2.02 24.73
N GLU B 131 -7.86 2.65 25.24
CA GLU B 131 -7.92 3.04 26.64
C GLU B 131 -7.92 1.84 27.57
N GLN B 132 -8.68 0.80 27.22
CA GLN B 132 -8.76 -0.36 28.07
C GLN B 132 -7.72 -1.42 27.78
N GLU B 133 -7.08 -1.28 26.62
CA GLU B 133 -6.04 -2.20 26.18
CA GLU B 133 -6.03 -2.19 26.17
C GLU B 133 -6.55 -3.63 26.09
N VAL B 134 -7.57 -3.81 25.27
CA VAL B 134 -8.18 -5.10 25.05
C VAL B 134 -8.45 -5.32 23.56
N ILE B 135 -8.55 -6.59 23.18
CA ILE B 135 -8.96 -6.95 21.84
C ILE B 135 -10.49 -6.99 21.82
N PHE B 136 -11.05 -6.15 20.98
CA PHE B 136 -12.49 -6.10 20.77
C PHE B 136 -12.97 -7.11 19.74
N GLN B 137 -12.30 -7.22 18.59
CA GLN B 137 -12.78 -8.08 17.53
CA GLN B 137 -12.75 -8.16 17.58
C GLN B 137 -11.67 -8.49 16.59
N TRP B 138 -11.70 -9.75 16.17
CA TRP B 138 -10.85 -10.25 15.10
C TRP B 138 -11.76 -10.32 13.84
N ILE B 139 -11.28 -9.79 12.72
CA ILE B 139 -12.04 -9.77 11.47
C ILE B 139 -11.22 -10.55 10.49
N ASN B 140 -11.67 -11.78 10.20
CA ASN B 140 -10.95 -12.70 9.33
C ASN B 140 -11.45 -12.70 7.94
#